data_1Y30
#
_entry.id   1Y30
#
_cell.length_a   46.851
_cell.length_b   55.238
_cell.length_c   54.829
_cell.angle_alpha   90.00
_cell.angle_beta   108.36
_cell.angle_gamma   90.00
#
_symmetry.space_group_name_H-M   'P 1 21 1'
#
loop_
_entity.id
_entity.type
_entity.pdbx_description
1 polymer 'hypothetical protein Rv1155'
2 non-polymer 'FLAVIN MONONUCLEOTIDE'
3 water water
#
_entity_poly.entity_id   1
_entity_poly.type   'polypeptide(L)'
_entity_poly.pdbx_seq_one_letter_code
;MARQVFDDKLLAVISGNSIGVLATIKHDGRPQLSNVQYHFDPRKLLIQVSIAEPRAKTRNLRRDPRASILVDADDGWSYA
VAEGTAQLTPPAAAPDDDTVEALIALYRNIAGEHSDWDDYRQAMVTDRRVLLTLPISHVYGLPPGMR
;
_entity_poly.pdbx_strand_id   A,B
#
# COMPACT_ATOMS: atom_id res chain seq x y z
N VAL A 5 14.60 -10.54 17.19
CA VAL A 5 14.71 -11.46 16.02
C VAL A 5 13.43 -11.43 15.18
N PHE A 6 12.34 -10.92 15.75
CA PHE A 6 11.09 -10.83 15.02
C PHE A 6 11.21 -9.88 13.82
N ASP A 7 11.99 -8.82 13.98
CA ASP A 7 12.18 -7.87 12.88
C ASP A 7 12.93 -8.52 11.73
N ASP A 8 13.72 -9.54 12.05
CA ASP A 8 14.46 -10.25 11.02
C ASP A 8 13.48 -10.92 10.06
N LYS A 9 12.31 -11.29 10.58
CA LYS A 9 11.29 -11.94 9.76
C LYS A 9 10.66 -10.93 8.81
N LEU A 10 10.52 -9.70 9.29
CA LEU A 10 9.95 -8.63 8.47
C LEU A 10 10.96 -8.16 7.43
N LEU A 11 12.24 -8.15 7.80
CA LEU A 11 13.29 -7.74 6.87
C LEU A 11 13.44 -8.76 5.77
N ALA A 12 13.26 -10.03 6.12
CA ALA A 12 13.38 -11.11 5.15
C ALA A 12 12.33 -10.95 4.04
N VAL A 13 11.13 -10.52 4.41
CA VAL A 13 10.09 -10.32 3.41
C VAL A 13 10.55 -9.23 2.43
N ILE A 14 11.03 -8.12 2.97
CA ILE A 14 11.53 -7.02 2.16
C ILE A 14 12.67 -7.48 1.25
N SER A 15 13.56 -8.30 1.80
CA SER A 15 14.71 -8.79 1.06
C SER A 15 14.33 -9.76 -0.07
N GLY A 16 13.25 -10.51 0.14
CA GLY A 16 12.81 -11.48 -0.84
C GLY A 16 11.94 -10.95 -1.97
N ASN A 17 11.81 -9.63 -2.09
CA ASN A 17 10.98 -9.07 -3.15
C ASN A 17 11.63 -7.83 -3.75
N SER A 18 11.08 -7.35 -4.87
CA SER A 18 11.62 -6.17 -5.54
C SER A 18 10.54 -5.16 -5.90
N ILE A 19 9.31 -5.43 -5.49
CA ILE A 19 8.23 -4.51 -5.78
C ILE A 19 7.38 -4.32 -4.53
N GLY A 20 6.92 -3.10 -4.30
CA GLY A 20 6.10 -2.84 -3.13
C GLY A 20 5.15 -1.68 -3.32
N VAL A 21 4.43 -1.34 -2.27
CA VAL A 21 3.48 -0.24 -2.35
C VAL A 21 4.00 0.94 -1.56
N LEU A 22 4.36 2.00 -2.26
CA LEU A 22 4.87 3.21 -1.63
C LEU A 22 3.70 4.11 -1.24
N ALA A 23 3.70 4.55 0.01
CA ALA A 23 2.65 5.43 0.48
C ALA A 23 3.25 6.78 0.90
N THR A 24 2.82 7.84 0.23
CA THR A 24 3.29 9.18 0.54
C THR A 24 2.12 9.95 1.15
N ILE A 25 2.40 11.16 1.61
CA ILE A 25 1.37 11.97 2.24
C ILE A 25 1.03 13.19 1.37
N LYS A 26 -0.22 13.24 0.90
CA LYS A 26 -0.66 14.35 0.07
C LYS A 26 -0.61 15.66 0.84
N HIS A 27 -0.90 16.75 0.13
CA HIS A 27 -0.93 18.08 0.72
C HIS A 27 -2.00 18.18 1.80
N ASP A 28 -3.12 17.50 1.57
CA ASP A 28 -4.22 17.54 2.54
C ASP A 28 -4.08 16.54 3.68
N GLY A 29 -2.98 15.81 3.72
CA GLY A 29 -2.77 14.85 4.80
C GLY A 29 -3.20 13.43 4.49
N ARG A 30 -3.96 13.25 3.41
CA ARG A 30 -4.43 11.93 3.02
C ARG A 30 -3.31 11.10 2.39
N PRO A 31 -3.35 9.77 2.58
CA PRO A 31 -2.32 8.90 2.00
C PRO A 31 -2.47 8.85 0.48
N GLN A 32 -1.35 8.67 -0.21
CA GLN A 32 -1.34 8.55 -1.68
C GLN A 32 -0.60 7.24 -1.93
N LEU A 33 -1.16 6.38 -2.79
CA LEU A 33 -0.55 5.08 -3.04
C LEU A 33 -0.15 4.75 -4.47
N SER A 34 0.92 3.97 -4.59
CA SER A 34 1.44 3.55 -5.88
C SER A 34 2.44 2.43 -5.65
N ASN A 35 2.74 1.67 -6.70
CA ASN A 35 3.73 0.62 -6.56
C ASN A 35 5.06 1.11 -7.12
N VAL A 36 6.14 0.55 -6.62
CA VAL A 36 7.48 0.91 -7.06
C VAL A 36 8.39 -0.30 -7.06
N GLN A 37 9.41 -0.26 -7.90
CA GLN A 37 10.40 -1.33 -7.96
C GLN A 37 11.45 -0.83 -6.99
N TYR A 38 12.14 -1.72 -6.29
CA TYR A 38 13.14 -1.26 -5.35
C TYR A 38 14.32 -2.19 -5.15
N HIS A 39 15.33 -1.66 -4.47
CA HIS A 39 16.50 -2.45 -4.13
C HIS A 39 16.66 -2.30 -2.63
N PHE A 40 16.85 -3.41 -1.94
CA PHE A 40 17.04 -3.39 -0.50
C PHE A 40 18.50 -3.61 -0.16
N ASP A 41 19.12 -2.63 0.50
CA ASP A 41 20.51 -2.75 0.92
C ASP A 41 20.49 -3.23 2.37
N PRO A 42 20.82 -4.51 2.61
CA PRO A 42 20.82 -5.06 3.96
C PRO A 42 21.94 -4.49 4.82
N ARG A 43 23.01 -4.04 4.15
CA ARG A 43 24.16 -3.48 4.84
C ARG A 43 23.78 -2.24 5.66
N LYS A 44 23.08 -1.30 5.03
CA LYS A 44 22.68 -0.07 5.70
C LYS A 44 21.19 -0.05 6.01
N LEU A 45 20.52 -1.15 5.68
CA LEU A 45 19.08 -1.24 5.91
C LEU A 45 18.40 -0.04 5.24
N LEU A 46 18.57 0.02 3.92
CA LEU A 46 18.01 1.07 3.10
C LEU A 46 17.21 0.41 2.00
N ILE A 47 16.24 1.17 1.48
CA ILE A 47 15.42 0.72 0.37
C ILE A 47 15.62 1.82 -0.66
N GLN A 48 16.14 1.47 -1.84
CA GLN A 48 16.39 2.46 -2.86
C GLN A 48 15.44 2.31 -4.05
N VAL A 49 14.82 3.42 -4.44
CA VAL A 49 13.90 3.42 -5.57
C VAL A 49 14.11 4.65 -6.46
N SER A 50 13.76 4.51 -7.73
CA SER A 50 13.90 5.59 -8.69
C SER A 50 12.52 6.17 -8.97
N ILE A 51 12.40 7.50 -8.97
CA ILE A 51 11.12 8.17 -9.23
C ILE A 51 11.29 9.41 -10.10
N ALA A 52 10.19 9.97 -10.58
CA ALA A 52 10.24 11.14 -11.43
C ALA A 52 9.70 12.39 -10.72
N GLU A 53 10.47 13.47 -10.82
CA GLU A 53 10.12 14.74 -10.18
C GLU A 53 8.66 15.14 -10.35
N PRO A 54 8.14 15.16 -11.59
CA PRO A 54 6.75 15.55 -11.83
C PRO A 54 5.66 14.64 -11.23
N ARG A 55 6.02 13.41 -10.89
CA ARG A 55 5.04 12.47 -10.33
C ARG A 55 4.52 12.91 -8.97
N ALA A 56 3.27 12.58 -8.70
CA ALA A 56 2.61 12.94 -7.44
C ALA A 56 3.41 12.53 -6.20
N LYS A 57 3.81 11.27 -6.15
CA LYS A 57 4.57 10.73 -5.03
C LYS A 57 5.80 11.59 -4.75
N THR A 58 6.45 12.06 -5.82
CA THR A 58 7.65 12.88 -5.69
C THR A 58 7.35 14.26 -5.10
N ARG A 59 6.37 14.95 -5.69
CA ARG A 59 6.00 16.26 -5.19
C ARG A 59 5.55 16.11 -3.73
N ASN A 60 4.95 14.98 -3.39
CA ASN A 60 4.50 14.75 -2.02
C ASN A 60 5.69 14.67 -1.07
N LEU A 61 6.68 13.87 -1.45
CA LEU A 61 7.87 13.68 -0.64
C LEU A 61 8.72 14.95 -0.47
N ARG A 62 8.63 15.88 -1.42
CA ARG A 62 9.39 17.13 -1.34
C ARG A 62 8.87 18.00 -0.20
N ARG A 63 7.55 17.94 0.02
CA ARG A 63 6.93 18.72 1.09
C ARG A 63 6.97 17.96 2.40
N ASP A 64 6.78 16.65 2.31
CA ASP A 64 6.77 15.77 3.48
C ASP A 64 7.45 14.46 3.09
N PRO A 65 8.70 14.27 3.56
CA PRO A 65 9.53 13.08 3.30
C PRO A 65 9.18 11.79 4.01
N ARG A 66 8.18 11.80 4.88
CA ARG A 66 7.83 10.58 5.58
C ARG A 66 7.22 9.61 4.59
N ALA A 67 7.70 8.37 4.63
CA ALA A 67 7.23 7.37 3.69
C ALA A 67 7.22 5.96 4.25
N SER A 68 6.34 5.14 3.70
CA SER A 68 6.19 3.75 4.10
C SER A 68 6.10 2.89 2.85
N ILE A 69 6.53 1.65 2.96
CA ILE A 69 6.47 0.74 1.83
C ILE A 69 6.05 -0.65 2.27
N LEU A 70 4.93 -1.13 1.74
CA LEU A 70 4.47 -2.46 2.08
C LEU A 70 4.99 -3.44 1.03
N VAL A 71 5.49 -4.57 1.49
CA VAL A 71 6.01 -5.59 0.58
C VAL A 71 5.39 -6.92 0.95
N ASP A 72 4.93 -7.66 -0.04
CA ASP A 72 4.31 -8.97 0.18
C ASP A 72 5.34 -10.08 0.28
N ALA A 73 5.04 -11.06 1.13
CA ALA A 73 5.90 -12.23 1.29
C ALA A 73 5.62 -13.09 0.06
N ASP A 74 6.34 -14.19 -0.11
CA ASP A 74 6.11 -15.02 -1.29
C ASP A 74 4.76 -15.74 -1.31
N ASP A 75 3.98 -15.64 -0.23
CA ASP A 75 2.67 -16.27 -0.24
C ASP A 75 1.61 -15.26 -0.69
N GLY A 76 2.07 -14.04 -0.98
CA GLY A 76 1.18 -12.98 -1.44
C GLY A 76 0.15 -12.44 -0.46
N TRP A 77 0.22 -12.87 0.79
CA TRP A 77 -0.73 -12.44 1.81
C TRP A 77 0.02 -11.84 3.01
N SER A 78 1.05 -12.54 3.46
CA SER A 78 1.87 -12.06 4.56
C SER A 78 2.62 -10.85 4.03
N TYR A 79 3.04 -9.94 4.92
CA TYR A 79 3.72 -8.75 4.47
C TYR A 79 4.54 -8.06 5.55
N ALA A 80 5.34 -7.09 5.13
CA ALA A 80 6.15 -6.30 6.04
C ALA A 80 6.05 -4.87 5.54
N VAL A 81 6.12 -3.90 6.44
CA VAL A 81 6.04 -2.50 6.05
C VAL A 81 7.22 -1.72 6.61
N ALA A 82 7.98 -1.06 5.75
CA ALA A 82 9.10 -0.27 6.22
C ALA A 82 8.62 1.17 6.33
N GLU A 83 8.99 1.82 7.42
CA GLU A 83 8.59 3.19 7.67
C GLU A 83 9.86 3.98 7.91
N GLY A 84 9.96 5.18 7.35
CA GLY A 84 11.14 5.98 7.55
C GLY A 84 10.97 7.35 6.95
N THR A 85 12.06 8.09 6.86
CA THR A 85 11.98 9.43 6.28
C THR A 85 12.88 9.48 5.05
N ALA A 86 12.25 9.59 3.89
CA ALA A 86 12.96 9.63 2.62
C ALA A 86 14.02 10.69 2.50
N GLN A 87 15.06 10.34 1.75
CA GLN A 87 16.16 11.25 1.47
C GLN A 87 16.22 11.24 -0.05
N LEU A 88 15.90 12.37 -0.67
CA LEU A 88 15.90 12.47 -2.13
C LEU A 88 17.03 13.31 -2.66
N THR A 89 17.55 12.90 -3.82
CA THR A 89 18.62 13.63 -4.47
C THR A 89 17.89 14.65 -5.32
N PRO A 90 18.62 15.65 -5.86
CA PRO A 90 17.90 16.60 -6.69
C PRO A 90 17.61 15.82 -7.97
N PRO A 91 16.88 16.41 -8.92
CA PRO A 91 16.64 15.60 -10.12
C PRO A 91 17.87 15.64 -11.02
N ALA A 92 18.06 14.58 -11.80
CA ALA A 92 19.19 14.54 -12.72
C ALA A 92 19.06 15.81 -13.55
N ALA A 93 20.18 16.53 -13.72
CA ALA A 93 20.15 17.77 -14.48
C ALA A 93 21.12 17.74 -15.66
N ALA A 94 22.11 16.87 -15.57
CA ALA A 94 23.11 16.66 -16.63
C ALA A 94 23.43 15.18 -16.63
N PRO A 95 23.72 14.61 -17.81
CA PRO A 95 24.05 13.18 -17.93
C PRO A 95 25.21 12.67 -17.10
N ASP A 96 26.00 13.59 -16.55
CA ASP A 96 27.17 13.20 -15.77
C ASP A 96 27.14 13.62 -14.30
N ASP A 97 26.02 14.17 -13.83
CA ASP A 97 25.99 14.61 -12.43
C ASP A 97 25.81 13.48 -11.43
N ASP A 98 26.02 13.81 -10.16
CA ASP A 98 25.93 12.84 -9.09
C ASP A 98 24.64 12.05 -8.99
N THR A 99 23.52 12.66 -9.34
CA THR A 99 22.24 11.97 -9.29
C THR A 99 22.23 10.84 -10.32
N VAL A 100 22.66 11.17 -11.54
CA VAL A 100 22.70 10.17 -12.60
C VAL A 100 23.62 9.02 -12.21
N GLU A 101 24.72 9.34 -11.51
CA GLU A 101 25.65 8.29 -11.11
C GLU A 101 24.99 7.33 -10.10
N ALA A 102 24.28 7.87 -9.12
CA ALA A 102 23.63 7.03 -8.13
C ALA A 102 22.54 6.19 -8.80
N LEU A 103 21.91 6.75 -9.84
CA LEU A 103 20.86 6.04 -10.57
C LEU A 103 21.47 4.91 -11.41
N ILE A 104 22.68 5.12 -11.90
CA ILE A 104 23.35 4.09 -12.69
C ILE A 104 23.65 2.92 -11.77
N ALA A 105 24.02 3.24 -10.52
CA ALA A 105 24.34 2.23 -9.53
C ALA A 105 23.09 1.44 -9.15
N LEU A 106 21.97 2.13 -8.97
CA LEU A 106 20.72 1.46 -8.63
C LEU A 106 20.30 0.52 -9.75
N TYR A 107 20.28 1.03 -10.98
CA TYR A 107 19.90 0.23 -12.14
C TYR A 107 20.69 -1.07 -12.18
N ARG A 108 21.98 -1.00 -11.86
CA ARG A 108 22.81 -2.18 -11.85
C ARG A 108 22.30 -3.19 -10.83
N ASN A 109 21.86 -2.68 -9.68
CA ASN A 109 21.34 -3.54 -8.63
C ASN A 109 19.97 -4.12 -8.95
N ILE A 110 19.16 -3.37 -9.71
CA ILE A 110 17.84 -3.85 -10.06
C ILE A 110 17.85 -4.74 -11.31
N ALA A 111 18.27 -4.18 -12.44
CA ALA A 111 18.28 -4.91 -13.70
C ALA A 111 19.61 -5.49 -14.18
N GLY A 112 20.73 -4.99 -13.67
CA GLY A 112 22.03 -5.50 -14.08
C GLY A 112 22.84 -4.47 -14.85
N GLU A 113 23.65 -4.92 -15.79
CA GLU A 113 24.48 -4.01 -16.57
C GLU A 113 23.75 -3.46 -17.80
N HIS A 114 23.48 -2.16 -17.80
CA HIS A 114 22.77 -1.54 -18.92
C HIS A 114 23.63 -1.63 -20.18
N SER A 115 22.98 -1.61 -21.33
CA SER A 115 23.66 -1.71 -22.61
C SER A 115 24.24 -0.38 -23.09
N ASP A 116 23.39 0.64 -23.16
CA ASP A 116 23.81 1.97 -23.62
C ASP A 116 23.74 2.99 -22.48
N TRP A 117 24.74 2.97 -21.61
CA TRP A 117 24.79 3.89 -20.48
C TRP A 117 24.59 5.34 -20.89
N ASP A 118 25.10 5.71 -22.07
CA ASP A 118 24.94 7.07 -22.55
C ASP A 118 23.46 7.39 -22.76
N ASP A 119 22.72 6.43 -23.31
CA ASP A 119 21.29 6.63 -23.53
C ASP A 119 20.58 6.68 -22.19
N TYR A 120 21.06 5.90 -21.23
CA TYR A 120 20.47 5.87 -19.90
C TYR A 120 20.63 7.24 -19.25
N ARG A 121 21.84 7.78 -19.29
CA ARG A 121 22.13 9.08 -18.72
C ARG A 121 21.23 10.16 -19.32
N GLN A 122 21.01 10.06 -20.62
CA GLN A 122 20.17 11.01 -21.34
C GLN A 122 18.73 10.92 -20.86
N ALA A 123 18.28 9.68 -20.68
CA ALA A 123 16.92 9.41 -20.22
C ALA A 123 16.69 9.88 -18.79
N MET A 124 17.65 9.63 -17.90
CA MET A 124 17.49 10.06 -16.50
C MET A 124 17.25 11.56 -16.42
N VAL A 125 17.97 12.31 -17.24
CA VAL A 125 17.85 13.76 -17.29
C VAL A 125 16.53 14.20 -17.93
N THR A 126 16.15 13.52 -19.00
CA THR A 126 14.92 13.87 -19.70
C THR A 126 13.71 13.65 -18.81
N ASP A 127 13.77 12.62 -17.98
CA ASP A 127 12.69 12.29 -17.07
C ASP A 127 12.86 12.89 -15.69
N ARG A 128 13.84 13.76 -15.51
CA ARG A 128 14.08 14.38 -14.22
C ARG A 128 13.99 13.32 -13.11
N ARG A 129 14.74 12.23 -13.31
CA ARG A 129 14.77 11.14 -12.36
C ARG A 129 15.44 11.50 -11.04
N VAL A 130 14.87 10.97 -9.96
CA VAL A 130 15.37 11.21 -8.61
C VAL A 130 15.54 9.86 -7.96
N LEU A 131 16.58 9.73 -7.13
CA LEU A 131 16.81 8.49 -6.42
C LEU A 131 16.27 8.68 -5.02
N LEU A 132 15.34 7.82 -4.66
CA LEU A 132 14.72 7.85 -3.34
C LEU A 132 15.46 6.86 -2.44
N THR A 133 16.09 7.38 -1.40
CA THR A 133 16.81 6.55 -0.45
C THR A 133 15.98 6.61 0.83
N LEU A 134 15.41 5.47 1.23
CA LEU A 134 14.61 5.43 2.44
C LEU A 134 15.22 4.58 3.54
N PRO A 135 15.87 5.22 4.52
CA PRO A 135 16.46 4.43 5.59
C PRO A 135 15.31 3.85 6.41
N ILE A 136 15.42 2.57 6.78
CA ILE A 136 14.36 1.93 7.55
C ILE A 136 14.51 2.25 9.03
N SER A 137 13.52 2.95 9.59
CA SER A 137 13.55 3.33 10.99
C SER A 137 12.72 2.37 11.82
N HIS A 138 11.67 1.83 11.22
CA HIS A 138 10.77 0.94 11.92
C HIS A 138 10.07 -0.01 10.95
N VAL A 139 9.88 -1.25 11.38
CA VAL A 139 9.20 -2.23 10.54
C VAL A 139 8.07 -2.91 11.30
N TYR A 140 6.93 -3.04 10.65
CA TYR A 140 5.78 -3.70 11.26
C TYR A 140 5.09 -4.56 10.19
N GLY A 141 4.25 -5.48 10.63
CA GLY A 141 3.53 -6.32 9.68
C GLY A 141 3.21 -7.71 10.22
N LEU A 142 2.82 -8.60 9.32
CA LEU A 142 2.47 -9.98 9.68
C LEU A 142 3.22 -10.90 8.72
N PRO A 143 4.48 -11.23 9.06
CA PRO A 143 5.33 -12.10 8.25
C PRO A 143 4.85 -13.55 8.27
N PRO A 144 5.33 -14.37 7.32
CA PRO A 144 4.91 -15.78 7.26
C PRO A 144 4.90 -16.46 8.64
N GLY A 145 3.85 -17.21 8.91
CA GLY A 145 3.73 -17.88 10.19
C GLY A 145 2.77 -17.15 11.11
N MET A 146 2.50 -15.89 10.78
CA MET A 146 1.58 -15.09 11.60
C MET A 146 0.24 -14.86 10.89
N ARG A 147 0.13 -15.30 9.64
CA ARG A 147 -1.13 -15.13 8.90
C ARG A 147 -1.72 -16.47 8.49
N VAL B 5 -17.10 10.56 -12.23
CA VAL B 5 -17.05 9.37 -13.13
C VAL B 5 -15.67 8.73 -13.11
N PHE B 6 -15.64 7.44 -12.78
CA PHE B 6 -14.41 6.67 -12.67
C PHE B 6 -14.07 5.89 -13.94
N ASP B 7 -12.79 5.53 -14.07
CA ASP B 7 -12.32 4.76 -15.21
C ASP B 7 -12.77 3.31 -15.04
N ASP B 8 -13.62 2.86 -15.96
CA ASP B 8 -14.12 1.48 -15.92
C ASP B 8 -13.00 0.46 -15.87
N LYS B 9 -11.89 0.76 -16.54
CA LYS B 9 -10.75 -0.15 -16.55
C LYS B 9 -10.19 -0.30 -15.14
N LEU B 10 -10.25 0.78 -14.36
CA LEU B 10 -9.75 0.74 -12.99
C LEU B 10 -10.71 -0.03 -12.06
N LEU B 11 -12.01 0.09 -12.33
CA LEU B 11 -13.01 -0.62 -11.52
C LEU B 11 -12.93 -2.12 -11.81
N ALA B 12 -12.66 -2.46 -13.07
CA ALA B 12 -12.54 -3.88 -13.43
C ALA B 12 -11.45 -4.54 -12.59
N VAL B 13 -10.38 -3.80 -12.33
CA VAL B 13 -9.28 -4.33 -11.52
C VAL B 13 -9.77 -4.66 -10.13
N ILE B 14 -10.49 -3.71 -9.53
CA ILE B 14 -11.02 -3.93 -8.19
C ILE B 14 -11.99 -5.11 -8.14
N SER B 15 -12.83 -5.25 -9.16
CA SER B 15 -13.81 -6.35 -9.17
C SER B 15 -13.18 -7.70 -9.47
N GLY B 16 -12.00 -7.69 -10.05
CA GLY B 16 -11.32 -8.93 -10.36
C GLY B 16 -10.42 -9.43 -9.24
N ASN B 17 -10.36 -8.70 -8.12
CA ASN B 17 -9.50 -9.11 -7.00
C ASN B 17 -10.31 -9.17 -5.69
N SER B 18 -9.68 -9.60 -4.60
CA SER B 18 -10.36 -9.68 -3.31
C SER B 18 -9.49 -9.23 -2.13
N ILE B 19 -8.22 -8.90 -2.41
CA ILE B 19 -7.33 -8.39 -1.38
C ILE B 19 -6.59 -7.16 -1.93
N GLY B 20 -6.23 -6.26 -1.02
CA GLY B 20 -5.54 -5.05 -1.40
C GLY B 20 -4.88 -4.41 -0.21
N VAL B 21 -4.21 -3.28 -0.42
CA VAL B 21 -3.53 -2.59 0.65
C VAL B 21 -4.37 -1.44 1.16
N LEU B 22 -4.75 -1.55 2.43
CA LEU B 22 -5.56 -0.54 3.08
C LEU B 22 -4.65 0.45 3.76
N ALA B 23 -4.96 1.73 3.63
CA ALA B 23 -4.17 2.78 4.25
C ALA B 23 -5.06 3.73 5.04
N THR B 24 -4.79 3.85 6.34
CA THR B 24 -5.55 4.77 7.19
C THR B 24 -4.55 5.76 7.79
N ILE B 25 -5.06 6.81 8.42
CA ILE B 25 -4.18 7.82 8.99
C ILE B 25 -3.95 7.68 10.48
N LYS B 26 -2.69 7.45 10.86
CA LYS B 26 -2.32 7.31 12.26
C LYS B 26 -2.27 8.71 12.88
N HIS B 27 -2.16 8.77 14.21
CA HIS B 27 -2.11 10.07 14.88
C HIS B 27 -1.04 11.03 14.36
N ASP B 28 0.19 10.55 14.24
CA ASP B 28 1.27 11.40 13.77
C ASP B 28 1.09 11.85 12.32
N GLY B 29 0.05 11.34 11.66
CA GLY B 29 -0.19 11.76 10.29
C GLY B 29 0.31 10.75 9.26
N ARG B 30 1.13 9.81 9.69
CA ARG B 30 1.65 8.79 8.79
C ARG B 30 0.57 7.79 8.44
N PRO B 31 0.63 7.23 7.23
CA PRO B 31 -0.37 6.24 6.83
C PRO B 31 -0.01 4.94 7.54
N GLN B 32 -1.02 4.11 7.81
CA GLN B 32 -0.82 2.81 8.44
C GLN B 32 -1.27 1.84 7.35
N LEU B 33 -0.38 0.93 6.94
CA LEU B 33 -0.70 -0.01 5.88
C LEU B 33 -0.91 -1.46 6.32
N SER B 34 -1.65 -2.22 5.50
CA SER B 34 -1.91 -3.63 5.79
C SER B 34 -2.58 -4.31 4.61
N ASN B 35 -2.41 -5.63 4.53
CA ASN B 35 -3.05 -6.39 3.46
C ASN B 35 -4.39 -6.85 4.00
N VAL B 36 -5.46 -6.56 3.27
CA VAL B 36 -6.78 -6.93 3.73
C VAL B 36 -7.65 -7.56 2.66
N GLN B 37 -8.71 -8.22 3.11
CA GLN B 37 -9.67 -8.83 2.21
C GLN B 37 -10.77 -7.78 2.09
N TYR B 38 -11.38 -7.68 0.92
CA TYR B 38 -12.43 -6.70 0.75
C TYR B 38 -13.56 -7.22 -0.12
N HIS B 39 -14.68 -6.51 -0.08
CA HIS B 39 -15.82 -6.83 -0.90
C HIS B 39 -16.08 -5.56 -1.70
N PHE B 40 -16.35 -5.71 -2.98
CA PHE B 40 -16.60 -4.57 -3.85
C PHE B 40 -18.02 -4.61 -4.40
N ASP B 41 -18.82 -3.61 -4.06
CA ASP B 41 -20.19 -3.51 -4.56
C ASP B 41 -20.09 -2.60 -5.79
N PRO B 42 -20.10 -3.19 -7.00
CA PRO B 42 -19.99 -2.43 -8.26
C PRO B 42 -21.17 -1.51 -8.61
N ARG B 43 -22.34 -1.79 -8.05
CA ARG B 43 -23.51 -0.95 -8.33
C ARG B 43 -23.47 0.27 -7.43
N LYS B 44 -23.36 0.03 -6.13
CA LYS B 44 -23.31 1.11 -5.14
C LYS B 44 -21.92 1.73 -5.09
N LEU B 45 -20.97 1.13 -5.80
CA LEU B 45 -19.61 1.64 -5.84
C LEU B 45 -19.00 1.85 -4.48
N LEU B 46 -18.91 0.79 -3.70
CA LEU B 46 -18.32 0.91 -2.38
C LEU B 46 -17.52 -0.34 -2.08
N ILE B 47 -16.56 -0.20 -1.17
CA ILE B 47 -15.73 -1.31 -0.76
C ILE B 47 -15.92 -1.50 0.73
N GLN B 48 -16.02 -2.76 1.15
CA GLN B 48 -16.20 -3.06 2.55
C GLN B 48 -15.12 -4.01 3.03
N VAL B 49 -14.57 -3.73 4.21
CA VAL B 49 -13.54 -4.58 4.79
C VAL B 49 -13.87 -4.76 6.27
N SER B 50 -13.26 -5.79 6.87
CA SER B 50 -13.44 -6.12 8.27
C SER B 50 -12.15 -5.78 9.01
N ILE B 51 -12.24 -5.10 10.14
CA ILE B 51 -11.04 -4.75 10.90
C ILE B 51 -11.27 -4.76 12.40
N ALA B 52 -10.23 -5.09 13.16
CA ALA B 52 -10.34 -5.08 14.60
C ALA B 52 -10.52 -3.61 14.97
N GLU B 53 -11.12 -3.33 16.12
CA GLU B 53 -11.31 -1.94 16.55
C GLU B 53 -9.91 -1.36 16.76
N PRO B 54 -9.58 -0.24 16.09
CA PRO B 54 -8.27 0.39 16.22
C PRO B 54 -7.83 0.89 17.60
N ARG B 55 -6.57 0.63 17.94
CA ARG B 55 -5.98 1.04 19.20
C ARG B 55 -4.70 1.85 18.97
N ALA B 56 -4.31 2.63 19.96
CA ALA B 56 -3.09 3.43 19.88
C ALA B 56 -3.03 4.32 18.63
N LYS B 57 -1.88 4.33 17.98
CA LYS B 57 -1.66 5.15 16.79
C LYS B 57 -2.72 4.97 15.71
N THR B 58 -3.21 3.73 15.54
CA THR B 58 -4.20 3.45 14.52
C THR B 58 -5.60 3.98 14.85
N ARG B 59 -5.88 4.21 16.13
CA ARG B 59 -7.19 4.69 16.55
C ARG B 59 -7.64 5.99 15.89
N ASN B 60 -6.68 6.82 15.48
CA ASN B 60 -6.98 8.09 14.83
C ASN B 60 -8.02 7.92 13.72
N LEU B 61 -8.21 6.68 13.27
CA LEU B 61 -9.19 6.37 12.22
C LEU B 61 -10.58 6.83 12.66
N ARG B 62 -10.84 6.82 13.97
CA ARG B 62 -12.14 7.23 14.47
C ARG B 62 -12.43 8.71 14.28
N ARG B 63 -11.41 9.57 14.30
CA ARG B 63 -11.66 11.00 14.11
C ARG B 63 -11.34 11.50 12.70
N ASP B 64 -10.51 10.76 11.98
CA ASP B 64 -10.17 11.12 10.61
C ASP B 64 -10.22 9.82 9.83
N PRO B 65 -11.41 9.43 9.36
CA PRO B 65 -11.67 8.22 8.60
C PRO B 65 -11.27 8.17 7.13
N ARG B 66 -10.52 9.15 6.63
CA ARG B 66 -10.12 9.09 5.23
C ARG B 66 -9.23 7.88 4.98
N ALA B 67 -9.57 7.10 3.96
CA ALA B 67 -8.81 5.90 3.63
C ALA B 67 -8.71 5.63 2.15
N SER B 68 -7.76 4.77 1.78
CA SER B 68 -7.53 4.36 0.40
C SER B 68 -7.12 2.91 0.39
N ILE B 69 -7.44 2.22 -0.71
CA ILE B 69 -7.05 0.83 -0.85
C ILE B 69 -6.51 0.62 -2.27
N LEU B 70 -5.29 0.11 -2.36
CA LEU B 70 -4.67 -0.17 -3.65
C LEU B 70 -4.89 -1.63 -3.98
N VAL B 71 -5.29 -1.90 -5.22
CA VAL B 71 -5.54 -3.25 -5.67
C VAL B 71 -4.70 -3.55 -6.90
N ASP B 72 -3.99 -4.67 -6.87
CA ASP B 72 -3.13 -5.09 -7.98
C ASP B 72 -3.91 -5.75 -9.11
N ALA B 73 -3.47 -5.48 -10.35
CA ALA B 73 -4.07 -6.07 -11.54
C ALA B 73 -3.34 -7.39 -11.78
N ASP B 74 -3.68 -8.11 -12.84
CA ASP B 74 -3.06 -9.40 -13.15
C ASP B 74 -1.84 -9.31 -14.06
N ASP B 75 -1.56 -8.11 -14.58
CA ASP B 75 -0.41 -7.93 -15.46
C ASP B 75 0.85 -7.57 -14.67
N GLY B 76 1.80 -6.91 -15.31
CA GLY B 76 3.04 -6.55 -14.63
C GLY B 76 2.98 -5.45 -13.59
N TRP B 77 2.51 -4.26 -13.98
CA TRP B 77 2.44 -3.11 -13.08
C TRP B 77 1.08 -2.47 -12.82
N SER B 78 0.06 -2.83 -13.59
CA SER B 78 -1.24 -2.19 -13.40
C SER B 78 -1.80 -2.31 -11.99
N TYR B 79 -2.53 -1.26 -11.59
CA TYR B 79 -3.15 -1.22 -10.26
C TYR B 79 -4.17 -0.09 -10.22
N ALA B 80 -5.12 -0.22 -9.30
CA ALA B 80 -6.15 0.77 -9.13
C ALA B 80 -6.16 1.17 -7.66
N VAL B 81 -6.55 2.39 -7.36
CA VAL B 81 -6.62 2.85 -5.98
C VAL B 81 -7.97 3.50 -5.71
N ALA B 82 -8.72 2.95 -4.76
CA ALA B 82 -10.03 3.51 -4.40
C ALA B 82 -9.85 4.40 -3.18
N GLU B 83 -10.34 5.62 -3.31
CA GLU B 83 -10.22 6.62 -2.26
C GLU B 83 -11.60 7.01 -1.75
N GLY B 84 -11.72 7.27 -0.45
CA GLY B 84 -13.00 7.67 0.07
C GLY B 84 -12.95 7.99 1.54
N THR B 85 -14.10 8.33 2.11
CA THR B 85 -14.20 8.63 3.53
C THR B 85 -14.90 7.43 4.13
N ALA B 86 -14.19 6.66 4.93
CA ALA B 86 -14.76 5.47 5.54
C ALA B 86 -15.81 5.70 6.61
N GLN B 87 -16.78 4.80 6.65
CA GLN B 87 -17.85 4.82 7.65
C GLN B 87 -17.57 3.56 8.46
N LEU B 88 -17.62 3.66 9.77
CA LEU B 88 -17.36 2.49 10.61
C LEU B 88 -18.53 2.16 11.53
N THR B 89 -18.78 0.87 11.70
CA THR B 89 -19.84 0.43 12.59
C THR B 89 -19.19 0.42 13.96
N PRO B 90 -20.01 0.31 15.02
CA PRO B 90 -19.34 0.29 16.32
C PRO B 90 -18.69 -1.10 16.40
N PRO B 91 -17.76 -1.30 17.33
CA PRO B 91 -17.13 -2.63 17.41
C PRO B 91 -18.09 -3.72 17.87
N ALA B 92 -17.89 -4.94 17.38
CA ALA B 92 -18.75 -6.05 17.79
C ALA B 92 -18.64 -6.26 19.29
N ALA B 93 -19.77 -6.36 19.98
CA ALA B 93 -19.76 -6.55 21.43
C ALA B 93 -20.61 -7.73 21.89
N ALA B 94 -21.54 -8.16 21.03
CA ALA B 94 -22.41 -9.28 21.33
C ALA B 94 -22.42 -10.18 20.10
N PRO B 95 -22.37 -11.50 20.32
CA PRO B 95 -22.38 -12.44 19.19
C PRO B 95 -23.54 -12.25 18.22
N ASP B 96 -24.56 -11.52 18.64
CA ASP B 96 -25.72 -11.29 17.79
C ASP B 96 -26.12 -9.83 17.60
N ASP B 97 -25.21 -8.89 17.87
CA ASP B 97 -25.54 -7.48 17.68
C ASP B 97 -25.57 -7.10 16.19
N ASP B 98 -25.99 -5.87 15.90
CA ASP B 98 -26.09 -5.41 14.52
C ASP B 98 -24.78 -5.50 13.75
N THR B 99 -23.66 -5.27 14.44
CA THR B 99 -22.37 -5.35 13.77
C THR B 99 -22.07 -6.77 13.31
N VAL B 100 -22.25 -7.74 14.20
CA VAL B 100 -21.97 -9.12 13.83
C VAL B 100 -22.86 -9.54 12.68
N GLU B 101 -24.15 -9.22 12.74
CA GLU B 101 -25.06 -9.59 11.66
C GLU B 101 -24.50 -9.00 10.38
N ALA B 102 -24.02 -7.76 10.45
CA ALA B 102 -23.45 -7.11 9.28
C ALA B 102 -22.20 -7.81 8.76
N LEU B 103 -21.37 -8.33 9.66
CA LEU B 103 -20.14 -9.02 9.28
C LEU B 103 -20.42 -10.41 8.70
N ILE B 104 -21.58 -10.95 9.03
CA ILE B 104 -21.95 -12.26 8.51
C ILE B 104 -22.25 -12.07 7.03
N ALA B 105 -22.96 -10.99 6.71
CA ALA B 105 -23.31 -10.67 5.32
C ALA B 105 -22.05 -10.31 4.54
N LEU B 106 -21.06 -9.75 5.22
CA LEU B 106 -19.80 -9.40 4.54
C LEU B 106 -19.05 -10.69 4.22
N TYR B 107 -19.02 -11.62 5.17
CA TYR B 107 -18.34 -12.89 4.98
C TYR B 107 -18.99 -13.63 3.80
N ARG B 108 -20.32 -13.61 3.74
CA ARG B 108 -21.02 -14.29 2.65
C ARG B 108 -20.67 -13.67 1.31
N ASN B 109 -20.61 -12.34 1.27
CA ASN B 109 -20.29 -11.63 0.04
C ASN B 109 -18.90 -12.00 -0.46
N ILE B 110 -17.96 -12.09 0.48
CA ILE B 110 -16.57 -12.40 0.15
C ILE B 110 -16.23 -13.88 -0.03
N ALA B 111 -16.59 -14.69 0.96
CA ALA B 111 -16.28 -16.11 0.91
C ALA B 111 -17.49 -17.00 0.63
N GLY B 112 -18.63 -16.68 1.22
CA GLY B 112 -19.82 -17.48 1.00
C GLY B 112 -20.37 -17.99 2.31
N GLU B 113 -21.02 -19.15 2.26
CA GLU B 113 -21.61 -19.75 3.44
C GLU B 113 -20.55 -20.39 4.34
N HIS B 114 -20.41 -19.85 5.54
CA HIS B 114 -19.45 -20.32 6.53
C HIS B 114 -19.88 -21.66 7.15
N SER B 115 -18.90 -22.49 7.50
CA SER B 115 -19.16 -23.80 8.11
C SER B 115 -19.96 -23.69 9.41
N ASP B 116 -19.43 -22.95 10.37
CA ASP B 116 -20.09 -22.78 11.66
C ASP B 116 -20.20 -21.31 12.05
N TRP B 117 -21.37 -20.72 11.80
CA TRP B 117 -21.62 -19.33 12.10
C TRP B 117 -21.44 -18.94 13.57
N ASP B 118 -21.69 -19.88 14.48
CA ASP B 118 -21.54 -19.57 15.90
C ASP B 118 -20.08 -19.29 16.25
N ASP B 119 -19.17 -19.95 15.52
CA ASP B 119 -17.77 -19.74 15.76
C ASP B 119 -17.44 -18.34 15.23
N TYR B 120 -17.94 -18.05 14.05
CA TYR B 120 -17.71 -16.75 13.42
C TYR B 120 -18.15 -15.62 14.35
N ARG B 121 -19.38 -15.73 14.84
CA ARG B 121 -19.95 -14.72 15.72
C ARG B 121 -19.08 -14.43 16.93
N GLN B 122 -18.65 -15.46 17.64
CA GLN B 122 -17.82 -15.27 18.82
C GLN B 122 -16.46 -14.72 18.42
N ALA B 123 -15.98 -15.08 17.24
CA ALA B 123 -14.68 -14.60 16.77
C ALA B 123 -14.75 -13.09 16.47
N MET B 124 -15.90 -12.62 16.01
CA MET B 124 -16.09 -11.20 15.71
C MET B 124 -16.09 -10.40 17.01
N VAL B 125 -16.76 -10.93 18.01
CA VAL B 125 -16.83 -10.27 19.32
C VAL B 125 -15.42 -10.25 19.90
N THR B 126 -14.77 -11.40 19.88
CA THR B 126 -13.41 -11.55 20.40
C THR B 126 -12.39 -10.59 19.79
N ASP B 127 -12.59 -10.22 18.53
CA ASP B 127 -11.65 -9.33 17.88
C ASP B 127 -12.18 -7.90 17.80
N ARG B 128 -13.24 -7.61 18.54
CA ARG B 128 -13.84 -6.28 18.52
C ARG B 128 -13.97 -5.81 17.06
N ARG B 129 -14.34 -6.76 16.19
CA ARG B 129 -14.50 -6.53 14.77
C ARG B 129 -15.42 -5.38 14.39
N VAL B 130 -14.96 -4.59 13.43
CA VAL B 130 -15.68 -3.45 12.92
C VAL B 130 -15.81 -3.61 11.41
N LEU B 131 -16.97 -3.26 10.87
CA LEU B 131 -17.18 -3.35 9.43
C LEU B 131 -16.95 -1.95 8.87
N LEU B 132 -15.89 -1.80 8.08
CA LEU B 132 -15.55 -0.51 7.48
C LEU B 132 -16.14 -0.42 6.08
N THR B 133 -16.87 0.65 5.82
CA THR B 133 -17.48 0.85 4.52
C THR B 133 -16.86 2.07 3.86
N LEU B 134 -16.19 1.85 2.74
CA LEU B 134 -15.55 2.93 2.02
C LEU B 134 -16.26 3.30 0.73
N PRO B 135 -17.22 4.22 0.79
CA PRO B 135 -17.87 4.57 -0.47
C PRO B 135 -16.79 5.25 -1.31
N ILE B 136 -16.67 4.86 -2.57
CA ILE B 136 -15.65 5.40 -3.45
C ILE B 136 -15.83 6.84 -3.92
N SER B 137 -14.90 7.70 -3.50
CA SER B 137 -14.95 9.11 -3.88
C SER B 137 -14.11 9.39 -5.13
N HIS B 138 -12.89 8.88 -5.12
CA HIS B 138 -11.96 9.08 -6.24
C HIS B 138 -11.24 7.75 -6.52
N VAL B 139 -10.97 7.49 -7.80
CA VAL B 139 -10.27 6.26 -8.19
C VAL B 139 -9.15 6.63 -9.16
N TYR B 140 -7.93 6.24 -8.83
CA TYR B 140 -6.78 6.54 -9.69
C TYR B 140 -5.89 5.30 -9.81
N GLY B 141 -4.83 5.43 -10.60
CA GLY B 141 -3.92 4.30 -10.78
C GLY B 141 -3.48 4.10 -12.22
N LEU B 142 -2.94 2.92 -12.50
CA LEU B 142 -2.44 2.59 -13.84
C LEU B 142 -3.26 1.43 -14.38
N PRO B 143 -4.15 1.69 -15.35
CA PRO B 143 -5.03 0.69 -15.95
C PRO B 143 -4.33 -0.38 -16.79
N PRO B 144 -4.77 -1.64 -16.68
CA PRO B 144 -4.17 -2.73 -17.47
C PRO B 144 -4.65 -2.66 -18.92
N GLY B 145 -3.91 -3.26 -19.84
CA GLY B 145 -4.31 -3.21 -21.23
C GLY B 145 -4.81 -4.55 -21.74
N MET B 146 -5.01 -4.64 -23.04
CA MET B 146 -5.48 -5.88 -23.65
C MET B 146 -4.36 -6.88 -23.41
N ARG B 147 -4.74 -8.07 -22.95
CA ARG B 147 -3.77 -9.12 -22.65
C ARG B 147 -4.37 -10.53 -22.76
#